data_6APS
#
_entry.id   6APS
#
_cell.length_a   116.013
_cell.length_b   93.885
_cell.length_c   44.715
_cell.angle_alpha   90.00
_cell.angle_beta   107.80
_cell.angle_gamma   90.00
#
_symmetry.space_group_name_H-M   'C 1 2 1'
#
loop_
_entity.id
_entity.type
_entity.pdbx_description
1 polymer 'Hypoxanthine-guanine phosphoribosyltransferase'
2 non-polymer '[{2-[(guanine-9-yl)methyl]propane-1,3-diyl}bis(oxymethylene)]bis(phosphonic acid)'
3 non-polymer 'MAGNESIUM ION'
4 non-polymer DI(HYDROXYETHYL)ETHER
5 non-polymer 2-AMINO-2-HYDROXYMETHYL-PROPANE-1,3-DIOL
6 non-polymer 'SULFATE ION'
7 water water
#
_entity_poly.entity_id   1
_entity_poly.type   'polypeptide(L)'
_entity_poly.pdbx_seq_one_letter_code
;HHHHHHMEPACKYDFATSVLFTEAELHTRMRGVAQRIADDYSNCNLKPLENPLVIVSVLKGSFVFTADMVRILGDFGVPT
RVEFLRASSYGHDTKSCGRVDVKADGLCDIRGKHVLVLEDILDTALTLREVVDSLKKSEPASIKTLVAIDKPGGRKIPFT
AEYVVADVPNVFVVGYGLDYDQSYREVRDVVILKPSVYETWGKELERRKAAGEAKR
;
_entity_poly.pdbx_strand_id   A,B
#
# COMPACT_ATOMS: atom_id res chain seq x y z
N HIS A 4 35.82 -7.32 30.43
CA HIS A 4 34.58 -6.69 29.97
C HIS A 4 33.54 -7.74 29.46
N HIS A 5 32.25 -7.52 29.72
CA HIS A 5 31.19 -8.45 29.30
C HIS A 5 30.16 -7.71 28.44
N HIS A 6 30.14 -8.02 27.14
CA HIS A 6 29.15 -7.45 26.25
C HIS A 6 27.72 -7.90 26.61
N MET A 7 26.78 -6.96 26.62
CA MET A 7 25.37 -7.22 26.90
C MET A 7 24.58 -7.14 25.61
N GLU A 8 23.79 -8.17 25.33
CA GLU A 8 23.01 -8.23 24.10
C GLU A 8 21.52 -8.27 24.44
N PRO A 9 20.76 -7.17 24.26
CA PRO A 9 19.32 -7.23 24.55
C PRO A 9 18.62 -8.24 23.64
N ALA A 10 17.48 -8.75 24.13
CA ALA A 10 16.65 -9.69 23.36
C ALA A 10 15.93 -8.96 22.23
N CYS A 11 15.59 -9.72 21.18
CA CYS A 11 14.89 -9.14 20.04
C CYS A 11 13.42 -8.81 20.40
N LYS A 12 12.97 -7.68 19.86
CA LYS A 12 11.59 -7.20 19.99
C LYS A 12 10.55 -8.30 19.77
N TYR A 13 10.72 -9.11 18.73
CA TYR A 13 9.69 -10.02 18.22
C TYR A 13 10.06 -11.48 18.49
N ASP A 14 9.11 -12.25 19.01
CA ASP A 14 9.35 -13.66 19.31
C ASP A 14 9.55 -14.51 18.05
N PHE A 15 9.16 -14.02 16.86
CA PHE A 15 9.40 -14.78 15.64
C PHE A 15 10.65 -14.32 14.87
N ALA A 16 11.46 -13.42 15.42
CA ALA A 16 12.55 -12.84 14.65
C ALA A 16 13.85 -13.04 15.41
N THR A 17 14.96 -13.13 14.69
CA THR A 17 16.25 -13.14 15.36
C THR A 17 16.79 -11.72 15.59
N SER A 18 16.59 -10.84 14.65
CA SER A 18 17.26 -9.55 14.59
C SER A 18 16.32 -8.59 13.91
N VAL A 19 16.19 -7.37 14.43
CA VAL A 19 15.57 -6.29 13.64
C VAL A 19 16.67 -5.67 12.80
N LEU A 20 16.51 -5.64 11.48
CA LEU A 20 17.58 -5.03 10.70
C LEU A 20 17.34 -3.55 10.46
N PHE A 21 16.11 -3.15 10.08
CA PHE A 21 15.79 -1.74 9.89
C PHE A 21 14.45 -1.48 10.55
N THR A 22 14.40 -0.49 11.41
CA THR A 22 13.12 -0.08 11.98
C THR A 22 12.34 0.76 10.98
N GLU A 23 11.02 0.87 11.23
CA GLU A 23 10.19 1.75 10.42
C GLU A 23 10.78 3.16 10.38
N ALA A 24 11.24 3.67 11.52
CA ALA A 24 11.84 5.01 11.55
C ALA A 24 13.09 5.09 10.69
N GLU A 25 13.98 4.09 10.76
CA GLU A 25 15.18 4.10 9.90
C GLU A 25 14.79 4.07 8.45
N LEU A 26 13.77 3.27 8.11
CA LEU A 26 13.33 3.17 6.71
C LEU A 26 12.80 4.52 6.23
N HIS A 27 11.95 5.16 7.04
CA HIS A 27 11.40 6.44 6.60
C HIS A 27 12.48 7.52 6.49
N THR A 28 13.45 7.50 7.41
CA THR A 28 14.57 8.45 7.30
C THR A 28 15.31 8.25 5.98
N ARG A 29 15.58 7.01 5.63
CA ARG A 29 16.27 6.79 4.37
C ARG A 29 15.39 7.10 3.17
N MET A 30 14.07 6.86 3.29
CA MET A 30 13.16 7.19 2.19
C MET A 30 13.09 8.69 1.95
N ARG A 31 13.14 9.50 3.01
CA ARG A 31 13.21 10.93 2.79
C ARG A 31 14.50 11.33 2.06
N GLY A 32 15.64 10.72 2.42
CA GLY A 32 16.86 11.02 1.70
C GLY A 32 16.74 10.67 0.23
N VAL A 33 16.19 9.49 -0.05
CA VAL A 33 16.01 9.08 -1.44
C VAL A 33 15.02 10.01 -2.14
N ALA A 34 13.96 10.41 -1.43
CA ALA A 34 12.94 11.28 -2.06
C ALA A 34 13.56 12.63 -2.46
N GLN A 35 14.48 13.16 -1.64
CA GLN A 35 15.17 14.38 -2.02
C GLN A 35 15.96 14.18 -3.31
N ARG A 36 16.65 13.03 -3.46
CA ARG A 36 17.40 12.80 -4.70
C ARG A 36 16.45 12.68 -5.89
N ILE A 37 15.33 11.98 -5.68
CA ILE A 37 14.34 11.85 -6.75
C ILE A 37 13.80 13.22 -7.15
N ALA A 38 13.43 14.05 -6.16
CA ALA A 38 12.95 15.40 -6.47
C ALA A 38 13.98 16.19 -7.26
N ASP A 39 15.25 16.18 -6.81
CA ASP A 39 16.31 16.83 -7.56
C ASP A 39 16.39 16.28 -8.97
N ASP A 40 16.38 14.95 -9.09
CA ASP A 40 16.62 14.33 -10.39
C ASP A 40 15.48 14.59 -11.37
N TYR A 41 14.23 14.67 -10.90
CA TYR A 41 13.11 14.91 -11.80
C TYR A 41 12.69 16.38 -11.84
N SER A 42 13.44 17.26 -11.16
CA SER A 42 13.11 18.68 -11.27
C SER A 42 13.22 19.22 -12.70
N ASN A 43 13.98 18.55 -13.57
N ASN A 43 13.98 18.58 -13.59
CA ASN A 43 14.14 19.00 -14.95
CA ASN A 43 14.06 19.11 -14.95
C ASN A 43 13.02 18.52 -15.86
C ASN A 43 12.97 18.57 -15.87
N CYS A 44 12.03 17.82 -15.34
CA CYS A 44 11.00 17.17 -16.16
C CYS A 44 9.67 17.91 -16.16
N ASN A 45 9.50 18.94 -15.32
CA ASN A 45 8.21 19.66 -15.23
C ASN A 45 7.05 18.69 -14.97
N LEU A 46 7.20 17.90 -13.91
CA LEU A 46 6.11 17.01 -13.56
C LEU A 46 4.96 17.80 -12.92
N LYS A 47 3.73 17.31 -13.12
CA LYS A 47 2.51 17.98 -12.59
C LYS A 47 1.44 16.91 -12.37
N PRO A 48 0.61 17.03 -11.35
CA PRO A 48 -0.60 16.19 -11.30
C PRO A 48 -1.37 16.32 -12.62
N LEU A 49 -1.99 15.20 -13.03
CA LEU A 49 -2.85 15.10 -14.21
C LEU A 49 -2.08 15.27 -15.54
N GLU A 50 -1.53 16.48 -15.77
N GLU A 50 -1.51 16.46 -15.79
CA GLU A 50 -0.84 16.76 -17.04
CA GLU A 50 -0.88 16.68 -17.08
C GLU A 50 0.37 15.85 -17.23
C GLU A 50 0.41 15.88 -17.26
N ASN A 51 1.15 15.65 -16.18
CA ASN A 51 2.44 14.98 -16.34
C ASN A 51 2.95 14.39 -15.04
N PRO A 52 2.26 13.45 -14.42
CA PRO A 52 2.77 12.88 -13.17
C PRO A 52 3.85 11.84 -13.45
N LEU A 53 4.63 11.57 -12.43
CA LEU A 53 5.53 10.42 -12.48
C LEU A 53 4.72 9.13 -12.31
N VAL A 54 4.85 8.21 -13.25
CA VAL A 54 4.09 6.97 -13.17
C VAL A 54 4.87 5.99 -12.28
N ILE A 55 4.29 5.65 -11.16
CA ILE A 55 4.84 4.68 -10.23
C ILE A 55 4.27 3.31 -10.58
N VAL A 56 5.13 2.38 -10.97
CA VAL A 56 4.70 1.04 -11.27
C VAL A 56 5.18 0.16 -10.12
N SER A 57 4.22 -0.30 -9.33
CA SER A 57 4.49 -1.07 -8.10
C SER A 57 4.44 -2.55 -8.42
N VAL A 58 5.55 -3.26 -8.13
CA VAL A 58 5.74 -4.63 -8.58
C VAL A 58 5.88 -5.52 -7.36
N LEU A 59 5.22 -6.67 -7.41
CA LEU A 59 5.14 -7.69 -6.36
C LEU A 59 4.12 -7.31 -5.28
N LYS A 60 3.43 -8.33 -4.77
CA LYS A 60 2.27 -8.10 -3.91
C LYS A 60 2.60 -7.29 -2.67
N GLY A 61 3.68 -7.67 -2.01
CA GLY A 61 4.03 -6.98 -0.78
C GLY A 61 4.46 -5.55 -0.91
N SER A 62 4.70 -5.06 -2.14
CA SER A 62 5.20 -3.72 -2.32
C SER A 62 4.17 -2.66 -2.01
N PHE A 63 2.94 -3.03 -1.68
CA PHE A 63 1.96 -1.99 -1.39
C PHE A 63 2.34 -1.16 -0.18
N VAL A 64 3.05 -1.73 0.80
CA VAL A 64 3.40 -0.94 2.00
C VAL A 64 4.41 0.13 1.62
N PHE A 65 5.52 -0.31 1.04
CA PHE A 65 6.50 0.63 0.55
C PHE A 65 5.87 1.67 -0.38
N THR A 66 4.99 1.25 -1.29
CA THR A 66 4.44 2.18 -2.26
C THR A 66 3.58 3.22 -1.53
N ALA A 67 2.75 2.75 -0.60
CA ALA A 67 1.89 3.70 0.14
C ALA A 67 2.76 4.73 0.83
N ASP A 68 3.83 4.28 1.50
CA ASP A 68 4.64 5.26 2.26
C ASP A 68 5.42 6.15 1.30
N MET A 69 5.97 5.55 0.23
N MET A 69 5.95 5.58 0.21
CA MET A 69 6.88 6.29 -0.66
CA MET A 69 6.85 6.37 -0.63
C MET A 69 6.14 7.36 -1.49
C MET A 69 6.11 7.40 -1.49
N VAL A 70 4.92 7.09 -2.00
CA VAL A 70 4.24 8.09 -2.80
C VAL A 70 3.88 9.27 -1.91
N ARG A 71 3.61 9.02 -0.63
CA ARG A 71 3.27 10.14 0.25
C ARG A 71 4.50 10.98 0.57
N ILE A 72 5.64 10.32 0.77
CA ILE A 72 6.87 11.08 0.96
C ILE A 72 7.23 11.86 -0.32
N LEU A 73 7.13 11.21 -1.49
CA LEU A 73 7.43 11.93 -2.72
C LEU A 73 6.55 13.20 -2.88
N GLY A 74 5.25 13.07 -2.53
CA GLY A 74 4.32 14.19 -2.52
C GLY A 74 4.82 15.31 -1.62
N ASP A 75 5.37 14.95 -0.45
CA ASP A 75 5.92 15.98 0.46
C ASP A 75 7.05 16.75 -0.22
N PHE A 76 7.83 16.07 -1.08
CA PHE A 76 8.94 16.71 -1.78
C PHE A 76 8.54 17.26 -3.12
N GLY A 77 7.24 17.35 -3.41
CA GLY A 77 6.75 17.97 -4.63
C GLY A 77 6.88 17.15 -5.90
N VAL A 78 6.82 15.84 -5.79
CA VAL A 78 6.91 14.91 -6.93
C VAL A 78 5.53 14.29 -7.05
N PRO A 79 4.69 14.74 -7.98
CA PRO A 79 3.33 14.19 -8.10
C PRO A 79 3.37 12.85 -8.82
N THR A 80 2.51 11.94 -8.39
CA THR A 80 2.58 10.60 -8.97
C THR A 80 1.18 10.10 -9.38
N ARG A 81 1.21 9.03 -10.19
CA ARG A 81 0.05 8.16 -10.40
C ARG A 81 0.58 6.73 -10.24
N VAL A 82 -0.22 5.85 -9.66
N VAL A 82 -0.24 5.85 -9.66
CA VAL A 82 0.25 4.51 -9.27
CA VAL A 82 0.21 4.50 -9.32
C VAL A 82 -0.42 3.44 -10.11
C VAL A 82 -0.40 3.50 -10.27
N GLU A 83 0.36 2.44 -10.55
CA GLU A 83 -0.12 1.30 -11.30
C GLU A 83 0.45 0.07 -10.59
N PHE A 84 -0.29 -1.01 -10.52
CA PHE A 84 0.15 -2.20 -9.80
C PHE A 84 0.31 -3.34 -10.78
N LEU A 85 1.45 -4.05 -10.68
CA LEU A 85 1.76 -5.38 -11.28
C LEU A 85 2.03 -6.45 -10.19
N ARG A 86 1.00 -7.12 -9.67
CA ARG A 86 1.22 -8.16 -8.60
C ARG A 86 0.60 -9.52 -8.93
N LEU A 107 -2.11 -2.05 -17.84
CA LEU A 107 -1.21 -0.92 -17.59
C LEU A 107 -1.57 0.29 -18.48
N CYS A 108 -1.81 1.45 -17.84
CA CYS A 108 -2.11 2.69 -18.54
C CYS A 108 -1.04 2.97 -19.60
N ASP A 109 -1.31 3.89 -20.53
CA ASP A 109 -0.28 4.21 -21.51
C ASP A 109 0.87 4.93 -20.82
N ILE A 110 2.10 4.45 -21.04
CA ILE A 110 3.30 5.07 -20.50
C ILE A 110 4.18 5.67 -21.59
N ARG A 111 3.77 5.61 -22.85
CA ARG A 111 4.58 6.19 -23.92
C ARG A 111 4.83 7.67 -23.65
N GLY A 112 6.09 8.06 -23.62
CA GLY A 112 6.42 9.46 -23.42
C GLY A 112 6.29 9.94 -21.99
N LYS A 113 6.01 9.05 -21.04
CA LYS A 113 5.87 9.39 -19.63
C LYS A 113 7.11 8.92 -18.87
N HIS A 114 7.39 9.59 -17.77
CA HIS A 114 8.45 9.11 -16.89
C HIS A 114 7.88 8.01 -15.98
N VAL A 115 8.60 6.90 -15.90
CA VAL A 115 8.19 5.74 -15.13
C VAL A 115 9.24 5.47 -14.04
N LEU A 116 8.76 5.24 -12.82
CA LEU A 116 9.61 4.80 -11.71
C LEU A 116 9.01 3.50 -11.17
N VAL A 117 9.74 2.40 -11.37
CA VAL A 117 9.30 1.09 -10.93
C VAL A 117 9.68 0.91 -9.47
N LEU A 118 8.71 0.54 -8.62
CA LEU A 118 8.98 0.36 -7.20
C LEU A 118 8.89 -1.12 -6.84
N GLU A 119 9.79 -1.59 -5.99
CA GLU A 119 9.66 -2.98 -5.56
C GLU A 119 10.20 -3.09 -4.13
N ASP A 120 9.47 -3.85 -3.29
CA ASP A 120 9.87 -4.01 -1.89
C ASP A 120 11.26 -4.62 -1.76
N ILE A 121 11.59 -5.62 -2.57
CA ILE A 121 12.92 -6.21 -2.41
C ILE A 121 13.47 -6.56 -3.78
N LEU A 122 14.77 -6.41 -3.91
CA LEU A 122 15.50 -6.76 -5.12
C LEU A 122 16.58 -7.77 -4.71
N ASP A 123 16.58 -8.96 -5.33
CA ASP A 123 17.43 -10.07 -4.87
C ASP A 123 18.12 -10.70 -6.08
N THR A 124 17.46 -11.62 -6.78
CA THR A 124 18.07 -12.16 -8.00
C THR A 124 18.10 -11.16 -9.14
N ALA A 125 17.20 -10.16 -9.12
CA ALA A 125 16.95 -9.14 -10.14
C ALA A 125 16.17 -9.71 -11.32
N LEU A 126 15.70 -10.95 -11.26
CA LEU A 126 15.00 -11.50 -12.42
C LEU A 126 13.64 -10.80 -12.62
N THR A 127 12.96 -10.40 -11.53
CA THR A 127 11.67 -9.69 -11.73
C THR A 127 11.89 -8.34 -12.40
N LEU A 128 12.73 -7.51 -11.81
CA LEU A 128 12.87 -6.17 -12.32
C LEU A 128 13.45 -6.17 -13.73
N ARG A 129 14.39 -7.07 -14.02
CA ARG A 129 14.93 -7.14 -15.39
C ARG A 129 13.81 -7.36 -16.40
N GLU A 130 12.91 -8.29 -16.11
CA GLU A 130 11.81 -8.55 -17.03
C GLU A 130 10.85 -7.37 -17.09
N VAL A 131 10.53 -6.79 -15.94
CA VAL A 131 9.55 -5.69 -15.92
C VAL A 131 10.11 -4.49 -16.68
N VAL A 132 11.37 -4.12 -16.41
CA VAL A 132 11.92 -2.96 -17.07
C VAL A 132 11.98 -3.19 -18.58
N ASP A 133 12.42 -4.40 -19.00
CA ASP A 133 12.53 -4.68 -20.43
C ASP A 133 11.16 -4.60 -21.10
N SER A 134 10.12 -5.13 -20.46
CA SER A 134 8.78 -5.05 -21.02
CA SER A 134 8.79 -5.04 -21.03
C SER A 134 8.33 -3.60 -21.13
N LEU A 135 8.55 -2.82 -20.06
CA LEU A 135 8.07 -1.46 -20.11
C LEU A 135 8.80 -0.66 -21.17
N LYS A 136 10.08 -0.91 -21.34
CA LYS A 136 10.82 -0.17 -22.36
C LYS A 136 10.17 -0.31 -23.73
N LYS A 137 9.49 -1.43 -23.99
CA LYS A 137 8.85 -1.60 -25.29
C LYS A 137 7.79 -0.55 -25.56
N SER A 138 7.19 0.03 -24.51
CA SER A 138 6.21 1.11 -24.73
C SER A 138 6.84 2.49 -24.91
N GLU A 139 8.16 2.57 -24.95
CA GLU A 139 8.88 3.84 -25.14
C GLU A 139 8.46 4.91 -24.13
N PRO A 140 8.62 4.65 -22.83
CA PRO A 140 8.42 5.72 -21.86
C PRO A 140 9.50 6.78 -22.06
N ALA A 141 9.24 7.99 -21.56
CA ALA A 141 10.23 9.05 -21.62
C ALA A 141 11.51 8.64 -20.88
N SER A 142 11.38 7.93 -19.75
CA SER A 142 12.53 7.39 -19.02
C SER A 142 12.00 6.31 -18.09
N ILE A 143 12.91 5.47 -17.61
CA ILE A 143 12.53 4.42 -16.68
C ILE A 143 13.68 4.21 -15.69
N LYS A 144 13.35 4.26 -14.42
CA LYS A 144 14.32 4.01 -13.37
C LYS A 144 13.64 3.10 -12.34
N THR A 145 14.41 2.58 -11.39
CA THR A 145 13.90 1.66 -10.37
C THR A 145 14.30 2.15 -8.99
N LEU A 146 13.40 1.88 -8.04
CA LEU A 146 13.49 2.29 -6.66
C LEU A 146 13.12 1.06 -5.83
N VAL A 147 13.99 0.63 -4.96
CA VAL A 147 13.69 -0.57 -4.17
C VAL A 147 13.87 -0.27 -2.72
N ALA A 148 13.03 -0.91 -1.88
CA ALA A 148 13.15 -0.64 -0.45
C ALA A 148 14.35 -1.42 0.08
N ILE A 149 14.48 -2.70 -0.28
CA ILE A 149 15.54 -3.53 0.30
C ILE A 149 16.29 -4.12 -0.87
N ASP A 150 17.58 -3.84 -0.96
CA ASP A 150 18.38 -4.52 -1.99
C ASP A 150 19.22 -5.59 -1.29
N LYS A 151 19.27 -6.78 -1.86
CA LYS A 151 20.17 -7.84 -1.38
C LYS A 151 21.19 -7.99 -2.50
N PRO A 152 22.21 -7.17 -2.47
CA PRO A 152 23.15 -7.10 -3.60
C PRO A 152 23.87 -8.40 -3.86
N GLY A 153 23.97 -9.28 -2.87
CA GLY A 153 24.64 -10.55 -3.06
C GLY A 153 23.75 -11.64 -3.61
N GLY A 154 22.47 -11.36 -3.92
CA GLY A 154 21.53 -12.38 -4.33
C GLY A 154 21.40 -12.48 -5.85
N ARG A 155 22.16 -11.69 -6.59
CA ARG A 155 21.93 -11.55 -8.04
C ARG A 155 22.14 -12.84 -8.80
N LYS A 156 21.24 -13.07 -9.78
CA LYS A 156 21.48 -14.10 -10.80
C LYS A 156 21.86 -13.49 -12.14
N ILE A 157 21.66 -12.19 -12.28
CA ILE A 157 22.10 -11.41 -13.43
C ILE A 157 22.56 -10.06 -12.89
N PRO A 158 23.41 -9.35 -13.64
CA PRO A 158 23.79 -8.00 -13.16
C PRO A 158 22.60 -7.04 -13.17
N PHE A 159 22.44 -6.25 -12.12
CA PHE A 159 21.36 -5.27 -12.12
C PHE A 159 21.63 -4.27 -11.03
N THR A 160 21.56 -2.98 -11.35
CA THR A 160 21.67 -1.93 -10.35
C THR A 160 20.42 -1.06 -10.35
N ALA A 161 19.79 -0.93 -9.19
CA ALA A 161 18.65 -0.04 -9.06
C ALA A 161 19.17 1.38 -8.98
N GLU A 162 18.46 2.35 -9.58
CA GLU A 162 18.88 3.75 -9.48
C GLU A 162 18.80 4.24 -8.05
N TYR A 163 17.80 3.78 -7.30
CA TYR A 163 17.54 4.27 -5.96
C TYR A 163 17.32 3.07 -5.03
N VAL A 164 18.05 3.04 -3.91
CA VAL A 164 17.94 1.95 -2.96
C VAL A 164 17.76 2.56 -1.58
N VAL A 165 16.72 2.13 -0.87
CA VAL A 165 16.54 2.64 0.48
C VAL A 165 17.54 2.00 1.44
N ALA A 166 17.61 0.65 1.46
CA ALA A 166 18.57 0.00 2.38
C ALA A 166 19.07 -1.28 1.74
N ASP A 167 20.28 -1.67 2.10
CA ASP A 167 20.82 -2.97 1.68
C ASP A 167 20.74 -3.97 2.82
N VAL A 168 20.55 -5.26 2.48
CA VAL A 168 20.68 -6.31 3.50
C VAL A 168 21.60 -7.43 2.99
N PRO A 169 22.28 -8.20 3.89
CA PRO A 169 23.07 -9.36 3.42
C PRO A 169 22.21 -10.50 2.93
N ASN A 170 22.80 -11.67 2.59
CA ASN A 170 22.00 -12.77 2.02
C ASN A 170 21.26 -13.52 3.14
N VAL A 171 20.18 -12.92 3.68
CA VAL A 171 19.42 -13.54 4.73
C VAL A 171 17.94 -13.34 4.38
N PHE A 172 17.09 -14.17 4.94
CA PHE A 172 15.65 -14.11 4.60
C PHE A 172 14.94 -13.19 5.58
N VAL A 173 14.34 -12.11 5.06
CA VAL A 173 13.71 -11.09 5.91
C VAL A 173 12.21 -11.07 5.69
N VAL A 174 11.51 -10.57 6.69
CA VAL A 174 10.09 -10.32 6.59
C VAL A 174 9.81 -8.97 7.19
N GLY A 175 8.59 -8.51 6.97
CA GLY A 175 8.17 -7.22 7.47
C GLY A 175 8.19 -6.14 6.38
N TYR A 176 7.54 -5.01 6.67
CA TYR A 176 7.47 -3.88 5.73
C TYR A 176 6.95 -4.33 4.36
N GLY A 177 5.91 -5.21 4.40
CA GLY A 177 5.28 -5.78 3.22
C GLY A 177 5.84 -7.13 2.79
N LEU A 178 7.04 -7.52 3.25
CA LEU A 178 7.60 -8.83 2.93
C LEU A 178 7.02 -9.93 3.82
N ASP A 179 6.63 -11.05 3.23
CA ASP A 179 5.90 -12.11 3.94
C ASP A 179 6.75 -13.37 4.11
N TYR A 180 6.34 -14.19 5.04
CA TYR A 180 6.64 -15.62 4.97
C TYR A 180 5.31 -16.37 4.87
N ASP A 181 5.14 -17.09 3.77
CA ASP A 181 3.91 -17.77 3.42
C ASP A 181 2.68 -16.91 3.73
N GLN A 182 2.72 -15.65 3.26
CA GLN A 182 1.63 -14.66 3.32
C GLN A 182 1.43 -14.00 4.69
N SER A 183 2.16 -14.42 5.72
CA SER A 183 2.09 -13.79 7.05
C SER A 183 3.26 -12.82 7.19
N TYR A 184 3.16 -11.97 8.23
CA TYR A 184 4.17 -11.00 8.67
C TYR A 184 4.38 -9.76 7.78
N ARG A 185 3.60 -9.54 6.71
CA ARG A 185 3.81 -8.33 5.92
C ARG A 185 3.58 -7.11 6.78
N GLU A 186 2.75 -7.25 7.82
CA GLU A 186 2.32 -6.08 8.59
C GLU A 186 3.33 -5.69 9.67
N VAL A 187 4.35 -6.51 9.91
CA VAL A 187 5.41 -6.11 10.83
C VAL A 187 5.99 -4.77 10.35
N ARG A 188 6.15 -3.81 11.28
CA ARG A 188 6.53 -2.48 10.84
C ARG A 188 8.00 -2.36 10.46
N ASP A 189 8.85 -3.27 10.98
CA ASP A 189 10.29 -3.28 10.77
C ASP A 189 10.67 -4.41 9.83
N VAL A 190 11.86 -4.29 9.24
CA VAL A 190 12.39 -5.38 8.42
C VAL A 190 13.24 -6.26 9.33
N VAL A 191 12.91 -7.57 9.43
CA VAL A 191 13.53 -8.42 10.45
C VAL A 191 13.97 -9.73 9.82
N ILE A 192 14.96 -10.35 10.45
CA ILE A 192 15.35 -11.69 10.02
C ILE A 192 14.39 -12.69 10.64
N LEU A 193 13.69 -13.45 9.81
CA LEU A 193 12.81 -14.49 10.33
C LEU A 193 13.61 -15.60 11.02
N LYS A 194 13.15 -16.00 12.21
CA LYS A 194 13.79 -17.10 12.90
C LYS A 194 13.75 -18.38 12.05
N PRO A 195 14.90 -19.02 11.80
CA PRO A 195 14.85 -20.35 11.16
C PRO A 195 13.82 -21.29 11.78
N SER A 196 13.70 -21.31 13.10
CA SER A 196 12.67 -22.08 13.80
C SER A 196 11.32 -22.04 13.08
N VAL A 197 10.88 -20.83 12.71
CA VAL A 197 9.56 -20.62 12.14
C VAL A 197 9.42 -21.34 10.80
N TYR A 198 10.36 -21.12 9.86
CA TYR A 198 10.11 -21.71 8.56
C TYR A 198 10.51 -23.18 8.49
N GLU A 199 11.38 -23.66 9.39
CA GLU A 199 11.63 -25.10 9.41
C GLU A 199 10.39 -25.85 9.88
N THR A 200 9.77 -25.36 10.97
CA THR A 200 8.54 -25.96 11.50
C THR A 200 7.41 -25.86 10.51
N TRP A 201 7.13 -24.63 10.04
CA TRP A 201 6.01 -24.42 9.14
C TRP A 201 6.22 -25.17 7.82
N GLY A 202 7.46 -25.20 7.32
CA GLY A 202 7.72 -25.93 6.08
C GLY A 202 7.33 -27.40 6.17
N LYS A 203 7.68 -28.05 7.29
CA LYS A 203 7.29 -29.45 7.47
C LYS A 203 5.78 -29.61 7.57
N GLU A 204 5.10 -28.61 8.16
CA GLU A 204 3.64 -28.63 8.19
C GLU A 204 3.04 -28.52 6.78
N LEU A 205 3.57 -27.58 5.96
CA LEU A 205 3.15 -27.47 4.57
C LEU A 205 3.44 -28.74 3.77
N GLU A 206 4.60 -29.36 3.98
CA GLU A 206 4.89 -30.68 3.41
C GLU A 206 3.80 -31.68 3.79
N ARG A 207 3.50 -31.77 5.09
CA ARG A 207 2.43 -32.63 5.60
C ARG A 207 1.09 -32.36 4.93
N ARG A 208 0.81 -31.12 4.58
CA ARG A 208 -0.34 -30.81 3.75
C ARG A 208 0.00 -31.11 2.29
N CYS B 11 -6.23 27.31 3.42
CA CYS B 11 -6.04 25.84 3.34
C CYS B 11 -4.58 25.47 3.03
N LYS B 12 -4.19 24.29 3.50
CA LYS B 12 -2.80 23.87 3.41
C LYS B 12 -2.37 23.69 1.96
N TYR B 13 -3.28 23.16 1.13
CA TYR B 13 -2.99 22.77 -0.26
C TYR B 13 -3.54 23.81 -1.19
N ASP B 14 -2.66 24.28 -2.09
CA ASP B 14 -3.04 25.21 -3.15
C ASP B 14 -4.10 24.65 -4.09
N PHE B 15 -4.28 23.35 -4.17
CA PHE B 15 -5.24 22.74 -5.07
C PHE B 15 -6.54 22.33 -4.36
N ALA B 16 -6.68 22.63 -3.07
CA ALA B 16 -7.86 22.18 -2.35
C ALA B 16 -8.59 23.38 -1.75
N THR B 17 -9.87 23.24 -1.56
CA THR B 17 -10.56 24.29 -0.81
C THR B 17 -10.68 23.95 0.64
N SER B 18 -10.74 22.68 1.00
N SER B 18 -10.76 22.67 0.97
CA SER B 18 -10.91 22.33 2.42
CA SER B 18 -10.99 22.18 2.32
C SER B 18 -10.40 20.92 2.69
C SER B 18 -10.20 20.91 2.57
N VAL B 19 -9.65 20.79 3.77
CA VAL B 19 -9.18 19.48 4.29
C VAL B 19 -10.30 18.96 5.20
N LEU B 20 -10.77 17.74 4.93
CA LEU B 20 -11.83 17.14 5.72
C LEU B 20 -11.30 16.31 6.87
N PHE B 21 -10.30 15.44 6.65
CA PHE B 21 -9.67 14.69 7.73
C PHE B 21 -8.18 14.68 7.45
N THR B 22 -7.39 15.02 8.46
CA THR B 22 -5.94 14.87 8.31
C THR B 22 -5.52 13.42 8.52
N GLU B 23 -4.31 13.12 8.03
CA GLU B 23 -3.70 11.86 8.28
C GLU B 23 -3.72 11.54 9.77
N ALA B 24 -3.42 12.51 10.61
CA ALA B 24 -3.41 12.25 12.05
C ALA B 24 -4.80 11.87 12.57
N GLU B 25 -5.83 12.59 12.13
CA GLU B 25 -7.21 12.27 12.56
C GLU B 25 -7.58 10.88 12.09
N LEU B 26 -7.21 10.52 10.87
CA LEU B 26 -7.54 9.18 10.36
C LEU B 26 -6.85 8.10 11.19
N HIS B 27 -5.56 8.28 11.46
CA HIS B 27 -4.83 7.29 12.24
C HIS B 27 -5.40 7.17 13.65
N THR B 28 -5.80 8.30 14.27
CA THR B 28 -6.40 8.21 15.59
C THR B 28 -7.69 7.39 15.55
N ARG B 29 -8.52 7.65 14.56
CA ARG B 29 -9.74 6.86 14.43
C ARG B 29 -9.45 5.40 14.09
N MET B 30 -8.42 5.16 13.28
CA MET B 30 -8.04 3.79 12.95
C MET B 30 -7.59 3.02 14.18
N ARG B 31 -6.85 3.66 15.09
CA ARG B 31 -6.51 2.98 16.32
C ARG B 31 -7.76 2.62 17.13
N GLY B 32 -8.75 3.51 17.19
CA GLY B 32 -9.98 3.16 17.90
C GLY B 32 -10.71 1.99 17.27
N VAL B 33 -10.74 1.97 15.92
CA VAL B 33 -11.34 0.82 15.23
C VAL B 33 -10.52 -0.45 15.47
N ALA B 34 -9.18 -0.33 15.50
CA ALA B 34 -8.35 -1.53 15.70
C ALA B 34 -8.62 -2.16 17.07
N GLN B 35 -8.78 -1.31 18.10
CA GLN B 35 -9.12 -1.84 19.43
C GLN B 35 -10.42 -2.64 19.40
N ARG B 36 -11.46 -2.11 18.72
CA ARG B 36 -12.70 -2.85 18.61
C ARG B 36 -12.49 -4.18 17.89
N ILE B 37 -11.77 -4.18 16.79
CA ILE B 37 -11.52 -5.41 16.04
C ILE B 37 -10.73 -6.40 16.90
N ALA B 38 -9.69 -5.92 17.62
CA ALA B 38 -8.96 -6.83 18.54
C ALA B 38 -9.93 -7.46 19.56
N ASP B 39 -10.82 -6.66 20.14
CA ASP B 39 -11.80 -7.19 21.07
C ASP B 39 -12.74 -8.18 20.41
N ASP B 40 -13.31 -7.78 19.27
CA ASP B 40 -14.32 -8.61 18.59
C ASP B 40 -13.77 -9.95 18.13
N TYR B 41 -12.51 -10.01 17.73
CA TYR B 41 -11.89 -11.25 17.26
C TYR B 41 -11.03 -11.93 18.33
N SER B 42 -11.11 -11.50 19.56
CA SER B 42 -10.23 -12.04 20.59
CA SER B 42 -10.24 -12.03 20.59
C SER B 42 -10.41 -13.54 20.77
N ASN B 43 -11.64 -14.08 20.64
CA ASN B 43 -11.83 -15.51 20.84
C ASN B 43 -11.71 -16.29 19.54
N CYS B 44 -11.12 -15.68 18.52
CA CYS B 44 -10.97 -16.36 17.24
C CYS B 44 -9.66 -17.10 17.14
N ASN B 45 -8.79 -16.96 18.15
CA ASN B 45 -7.46 -17.61 18.12
C ASN B 45 -6.66 -17.26 16.86
N LEU B 46 -6.63 -15.99 16.48
CA LEU B 46 -5.86 -15.57 15.32
C LEU B 46 -4.37 -15.63 15.64
N LYS B 47 -3.57 -16.10 14.67
CA LYS B 47 -2.12 -16.34 14.79
C LYS B 47 -1.55 -16.23 13.39
N PRO B 48 -0.36 -15.65 13.21
CA PRO B 48 0.32 -15.76 11.91
C PRO B 48 0.38 -17.23 11.49
N LEU B 49 0.37 -17.44 10.17
CA LEU B 49 0.56 -18.75 9.53
C LEU B 49 -0.64 -19.68 9.82
N GLU B 50 -0.85 -20.09 11.07
CA GLU B 50 -1.92 -21.04 11.40
C GLU B 50 -3.31 -20.46 11.16
N ASN B 51 -3.52 -19.20 11.48
CA ASN B 51 -4.89 -18.66 11.37
C ASN B 51 -4.93 -17.14 11.35
N PRO B 52 -4.33 -16.47 10.35
CA PRO B 52 -4.42 -15.02 10.30
C PRO B 52 -5.83 -14.57 9.91
N LEU B 53 -6.14 -13.34 10.29
CA LEU B 53 -7.32 -12.70 9.73
C LEU B 53 -7.09 -12.40 8.24
N VAL B 54 -7.98 -12.85 7.37
CA VAL B 54 -7.78 -12.59 5.93
C VAL B 54 -8.31 -11.19 5.56
N ILE B 55 -7.42 -10.31 5.15
CA ILE B 55 -7.80 -8.96 4.75
C ILE B 55 -7.99 -9.00 3.24
N VAL B 56 -9.21 -8.68 2.77
CA VAL B 56 -9.42 -8.59 1.34
C VAL B 56 -9.54 -7.10 1.02
N SER B 57 -8.56 -6.55 0.34
CA SER B 57 -8.53 -5.10 -0.01
C SER B 57 -9.13 -4.91 -1.41
N VAL B 58 -10.13 -4.03 -1.50
CA VAL B 58 -10.95 -3.87 -2.70
C VAL B 58 -10.80 -2.42 -3.18
N LEU B 59 -10.57 -2.26 -4.49
CA LEU B 59 -10.40 -1.04 -5.28
C LEU B 59 -8.94 -0.58 -5.22
N LYS B 60 -8.48 0.02 -6.32
CA LYS B 60 -7.04 0.28 -6.48
C LYS B 60 -6.51 1.21 -5.40
N GLY B 61 -7.26 2.28 -5.11
CA GLY B 61 -6.75 3.22 -4.14
C GLY B 61 -6.69 2.73 -2.71
N SER B 62 -7.28 1.55 -2.40
CA SER B 62 -7.31 1.14 -1.02
C SER B 62 -5.94 0.68 -0.54
N PHE B 63 -4.89 0.72 -1.39
CA PHE B 63 -3.59 0.25 -0.90
C PHE B 63 -3.05 1.12 0.24
N VAL B 64 -3.33 2.44 0.24
CA VAL B 64 -2.84 3.30 1.33
C VAL B 64 -3.48 2.90 2.65
N PHE B 65 -4.81 2.91 2.68
CA PHE B 65 -5.54 2.49 3.86
C PHE B 65 -5.13 1.09 4.31
N THR B 66 -4.98 0.15 3.38
CA THR B 66 -4.66 -1.21 3.77
C THR B 66 -3.29 -1.25 4.39
N ALA B 67 -2.33 -0.51 3.78
CA ALA B 67 -0.98 -0.51 4.35
C ALA B 67 -0.98 0.07 5.76
N ASP B 68 -1.73 1.16 6.00
CA ASP B 68 -1.69 1.70 7.36
C ASP B 68 -2.49 0.81 8.32
N MET B 69 -3.62 0.30 7.85
CA MET B 69 -4.50 -0.47 8.75
C MET B 69 -3.89 -1.83 9.16
N VAL B 70 -3.25 -2.59 8.25
CA VAL B 70 -2.72 -3.87 8.71
C VAL B 70 -1.61 -3.64 9.73
N ARG B 71 -0.86 -2.53 9.59
CA ARG B 71 0.22 -2.26 10.57
C ARG B 71 -0.37 -1.90 11.90
N ILE B 72 -1.42 -1.07 11.89
CA ILE B 72 -2.07 -0.75 13.15
C ILE B 72 -2.70 -2.01 13.77
N LEU B 73 -3.34 -2.85 12.94
CA LEU B 73 -3.92 -4.06 13.51
C LEU B 73 -2.85 -4.93 14.15
N GLY B 74 -1.66 -5.00 13.52
CA GLY B 74 -0.55 -5.75 14.05
C GLY B 74 -0.15 -5.21 15.41
N ASP B 75 -0.15 -3.87 15.56
CA ASP B 75 0.17 -3.28 16.87
C ASP B 75 -0.79 -3.77 17.95
N PHE B 76 -2.07 -3.96 17.58
CA PHE B 76 -3.11 -4.39 18.50
C PHE B 76 -3.24 -5.90 18.60
N GLY B 77 -2.30 -6.66 18.03
CA GLY B 77 -2.31 -8.10 18.19
C GLY B 77 -3.21 -8.84 17.25
N VAL B 78 -3.56 -8.25 16.12
CA VAL B 78 -4.40 -8.93 15.14
C VAL B 78 -3.55 -9.26 13.91
N PRO B 79 -3.05 -10.48 13.77
CA PRO B 79 -2.19 -10.80 12.61
C PRO B 79 -3.05 -11.02 11.39
N THR B 80 -2.51 -10.63 10.22
CA THR B 80 -3.27 -10.66 8.96
C THR B 80 -2.47 -11.31 7.82
N ARG B 81 -3.19 -11.81 6.80
N ARG B 81 -3.21 -11.72 6.77
CA ARG B 81 -2.66 -11.92 5.45
CA ARG B 81 -2.70 -11.95 5.43
C ARG B 81 -3.53 -11.01 4.57
C ARG B 81 -3.60 -11.19 4.45
N VAL B 82 -3.00 -10.58 3.43
CA VAL B 82 -3.71 -9.64 2.56
CA VAL B 82 -3.70 -9.64 2.55
C VAL B 82 -3.90 -10.27 1.19
N GLU B 83 -5.06 -9.99 0.57
CA GLU B 83 -5.38 -10.39 -0.80
C GLU B 83 -5.91 -9.12 -1.46
N PHE B 84 -5.62 -8.88 -2.72
CA PHE B 84 -6.08 -7.67 -3.41
C PHE B 84 -7.09 -8.03 -4.49
N LEU B 85 -8.22 -7.31 -4.52
CA LEU B 85 -9.24 -7.29 -5.61
C LEU B 85 -9.30 -5.89 -6.27
N ARG B 86 -8.47 -5.65 -7.28
CA ARG B 86 -8.45 -4.34 -7.96
C ARG B 86 -8.52 -4.52 -9.47
N ASP B 109 -7.74 -19.58 -0.43
CA ASP B 109 -8.97 -20.19 0.08
C ASP B 109 -9.37 -19.62 1.43
N ILE B 110 -10.65 -19.34 1.57
CA ILE B 110 -11.13 -18.67 2.76
C ILE B 110 -12.16 -19.48 3.48
N ARG B 111 -12.40 -20.71 3.03
CA ARG B 111 -13.42 -21.53 3.67
C ARG B 111 -13.06 -21.74 5.14
N GLY B 112 -14.00 -21.42 6.03
CA GLY B 112 -13.66 -21.62 7.44
C GLY B 112 -12.71 -20.60 8.02
N LYS B 113 -12.37 -19.54 7.26
CA LYS B 113 -11.47 -18.48 7.74
C LYS B 113 -12.22 -17.18 8.03
N HIS B 114 -11.66 -16.38 8.92
CA HIS B 114 -12.27 -15.08 9.20
C HIS B 114 -11.74 -14.07 8.17
N VAL B 115 -12.68 -13.33 7.55
CA VAL B 115 -12.39 -12.40 6.45
C VAL B 115 -12.82 -11.00 6.85
N LEU B 116 -11.94 -10.02 6.64
CA LEU B 116 -12.31 -8.64 6.82
C LEU B 116 -12.06 -7.91 5.49
N VAL B 117 -13.13 -7.41 4.88
CA VAL B 117 -13.01 -6.72 3.60
C VAL B 117 -12.73 -5.24 3.89
N LEU B 118 -11.68 -4.68 3.26
CA LEU B 118 -11.27 -3.28 3.42
C LEU B 118 -11.52 -2.52 2.14
N GLU B 119 -12.05 -1.31 2.26
CA GLU B 119 -12.19 -0.48 1.06
C GLU B 119 -11.95 0.97 1.46
N ASP B 120 -11.27 1.76 0.60
CA ASP B 120 -11.03 3.16 0.96
C ASP B 120 -12.33 3.96 1.07
N ILE B 121 -13.32 3.69 0.24
CA ILE B 121 -14.53 4.52 0.34
C ILE B 121 -15.72 3.66 0.01
N LEU B 122 -16.80 3.85 0.77
CA LEU B 122 -18.08 3.16 0.58
C LEU B 122 -19.14 4.21 0.23
N ASP B 123 -19.79 4.09 -0.93
CA ASP B 123 -20.62 5.21 -1.44
C ASP B 123 -21.95 4.62 -1.87
N THR B 124 -22.00 4.13 -3.10
CA THR B 124 -23.27 3.49 -3.53
C THR B 124 -23.46 2.13 -2.84
N ALA B 125 -22.38 1.49 -2.39
CA ALA B 125 -22.28 0.15 -1.81
C ALA B 125 -22.39 -0.92 -2.89
N LEU B 126 -22.43 -0.55 -4.16
CA LEU B 126 -22.55 -1.60 -5.18
C LEU B 126 -21.29 -2.49 -5.22
N THR B 127 -20.11 -1.91 -4.98
CA THR B 127 -18.88 -2.74 -4.97
C THR B 127 -18.92 -3.74 -3.82
N LEU B 128 -19.10 -3.26 -2.60
CA LEU B 128 -18.98 -4.12 -1.45
C LEU B 128 -20.11 -5.12 -1.42
N ARG B 129 -21.32 -4.73 -1.85
CA ARG B 129 -22.41 -5.70 -1.91
C ARG B 129 -22.00 -6.89 -2.78
N GLU B 130 -21.39 -6.61 -3.93
CA GLU B 130 -21.00 -7.69 -4.82
C GLU B 130 -19.87 -8.53 -4.24
N VAL B 131 -18.86 -7.87 -3.68
CA VAL B 131 -17.71 -8.59 -3.15
C VAL B 131 -18.13 -9.48 -1.99
N VAL B 132 -18.92 -8.93 -1.06
CA VAL B 132 -19.33 -9.74 0.10
C VAL B 132 -20.13 -10.95 -0.35
N ASP B 133 -21.11 -10.73 -1.25
CA ASP B 133 -21.94 -11.82 -1.71
C ASP B 133 -21.11 -12.90 -2.37
N SER B 134 -20.10 -12.52 -3.14
CA SER B 134 -19.23 -13.52 -3.79
CA SER B 134 -19.24 -13.53 -3.78
C SER B 134 -18.40 -14.28 -2.76
N LEU B 135 -17.81 -13.57 -1.80
CA LEU B 135 -16.98 -14.25 -0.81
C LEU B 135 -17.81 -15.18 0.05
N LYS B 136 -19.07 -14.83 0.34
CA LYS B 136 -19.91 -15.73 1.13
C LYS B 136 -20.07 -17.09 0.47
N LYS B 137 -19.99 -17.15 -0.86
CA LYS B 137 -20.14 -18.44 -1.51
C LYS B 137 -19.02 -19.41 -1.15
N SER B 138 -17.87 -18.91 -0.72
CA SER B 138 -16.78 -19.78 -0.27
C SER B 138 -16.89 -20.18 1.19
N GLU B 139 -17.96 -19.75 1.88
CA GLU B 139 -18.22 -20.13 3.25
C GLU B 139 -17.07 -19.83 4.21
N PRO B 140 -16.67 -18.58 4.32
CA PRO B 140 -15.77 -18.18 5.40
C PRO B 140 -16.45 -18.38 6.77
N ALA B 141 -15.62 -18.54 7.80
CA ALA B 141 -16.16 -18.61 9.16
C ALA B 141 -16.94 -17.34 9.50
N SER B 142 -16.44 -16.19 9.07
CA SER B 142 -17.17 -14.91 9.22
C SER B 142 -16.67 -13.92 8.17
N ILE B 143 -17.51 -12.91 7.88
CA ILE B 143 -17.08 -11.84 6.98
C ILE B 143 -17.67 -10.53 7.47
N LYS B 144 -16.81 -9.52 7.60
N LYS B 144 -16.81 -9.53 7.59
CA LYS B 144 -17.20 -8.18 8.00
CA LYS B 144 -17.18 -8.18 8.00
C LYS B 144 -16.49 -7.19 7.09
C LYS B 144 -16.49 -7.18 7.08
N THR B 145 -16.90 -5.92 7.15
CA THR B 145 -16.29 -4.91 6.27
C THR B 145 -15.79 -3.76 7.11
N LEU B 146 -14.70 -3.14 6.64
CA LEU B 146 -14.03 -2.01 7.26
C LEU B 146 -13.75 -1.00 6.16
N VAL B 147 -14.25 0.23 6.30
CA VAL B 147 -14.01 1.20 5.24
C VAL B 147 -13.39 2.43 5.87
N ALA B 148 -12.55 3.13 5.09
CA ALA B 148 -11.91 4.30 5.66
C ALA B 148 -12.89 5.47 5.65
N ILE B 149 -13.63 5.62 4.56
CA ILE B 149 -14.52 6.78 4.41
C ILE B 149 -15.88 6.20 4.03
N ASP B 150 -16.89 6.52 4.82
CA ASP B 150 -18.26 6.14 4.41
C ASP B 150 -18.93 7.40 3.92
N LYS B 151 -19.66 7.33 2.79
CA LYS B 151 -20.58 8.40 2.41
C LYS B 151 -21.97 7.83 2.60
N PRO B 152 -22.53 7.91 3.79
CA PRO B 152 -23.78 7.17 4.05
C PRO B 152 -24.92 7.72 3.22
N GLY B 153 -24.84 8.94 2.75
CA GLY B 153 -25.86 9.54 1.90
C GLY B 153 -25.78 9.13 0.44
N GLY B 154 -24.78 8.30 0.04
CA GLY B 154 -24.57 7.94 -1.35
C GLY B 154 -25.20 6.61 -1.80
N ARG B 155 -25.91 5.91 -0.92
CA ARG B 155 -26.32 4.52 -1.21
C ARG B 155 -27.25 4.41 -2.40
N LYS B 156 -27.02 3.36 -3.19
CA LYS B 156 -28.02 2.90 -4.16
C LYS B 156 -28.75 1.63 -3.71
N ILE B 157 -28.22 0.98 -2.70
CA ILE B 157 -28.81 -0.17 -2.00
C ILE B 157 -28.47 -0.02 -0.54
N PRO B 158 -29.25 -0.64 0.35
CA PRO B 158 -28.92 -0.56 1.77
C PRO B 158 -27.63 -1.33 2.07
N PHE B 159 -26.75 -0.71 2.84
CA PHE B 159 -25.54 -1.45 3.22
C PHE B 159 -24.91 -0.72 4.39
N THR B 160 -24.54 -1.46 5.43
CA THR B 160 -23.85 -0.92 6.60
C THR B 160 -22.53 -1.65 6.79
N ALA B 161 -21.45 -0.91 6.85
CA ALA B 161 -20.14 -1.51 7.15
C ALA B 161 -20.08 -1.79 8.63
N GLU B 162 -19.43 -2.89 9.04
CA GLU B 162 -19.29 -3.16 10.48
C GLU B 162 -18.40 -2.14 11.15
N TYR B 163 -17.36 -1.68 10.42
CA TYR B 163 -16.40 -0.74 10.97
C TYR B 163 -16.20 0.43 10.01
N VAL B 164 -16.31 1.66 10.50
CA VAL B 164 -16.12 2.85 9.66
C VAL B 164 -15.13 3.77 10.35
N VAL B 165 -14.10 4.18 9.63
CA VAL B 165 -13.15 5.10 10.21
C VAL B 165 -13.76 6.49 10.30
N ALA B 166 -14.32 6.96 9.20
CA ALA B 166 -14.90 8.31 9.21
C ALA B 166 -15.99 8.41 8.15
N ASP B 167 -16.92 9.35 8.38
CA ASP B 167 -18.02 9.63 7.44
C ASP B 167 -17.76 10.95 6.75
N VAL B 168 -18.21 11.06 5.50
N VAL B 168 -18.23 11.06 5.50
CA VAL B 168 -18.27 12.39 4.91
CA VAL B 168 -18.15 12.27 4.68
C VAL B 168 -19.64 12.60 4.27
C VAL B 168 -19.52 12.56 4.07
N PRO B 169 -19.99 13.86 4.01
CA PRO B 169 -21.20 14.15 3.25
C PRO B 169 -21.06 13.79 1.77
N ASN B 170 -22.11 14.06 0.97
CA ASN B 170 -22.10 13.70 -0.45
C ASN B 170 -21.27 14.70 -1.24
N VAL B 171 -19.95 14.62 -1.06
CA VAL B 171 -19.02 15.45 -1.81
C VAL B 171 -17.90 14.54 -2.36
N PHE B 172 -17.32 14.98 -3.46
CA PHE B 172 -16.22 14.27 -4.12
C PHE B 172 -14.89 14.65 -3.49
N VAL B 173 -14.19 13.65 -2.95
CA VAL B 173 -12.96 13.90 -2.19
C VAL B 173 -11.80 13.19 -2.87
N VAL B 174 -10.59 13.63 -2.53
CA VAL B 174 -9.40 12.94 -3.01
C VAL B 174 -8.44 12.86 -1.84
N GLY B 175 -7.43 12.04 -2.00
CA GLY B 175 -6.41 11.91 -0.97
C GLY B 175 -6.55 10.61 -0.19
N TYR B 176 -5.48 10.24 0.56
CA TYR B 176 -5.47 9.00 1.33
C TYR B 176 -5.82 7.80 0.44
N GLY B 177 -5.28 7.85 -0.79
CA GLY B 177 -5.45 6.78 -1.78
C GLY B 177 -6.51 7.10 -2.83
N LEU B 178 -7.42 8.05 -2.54
CA LEU B 178 -8.51 8.36 -3.46
C LEU B 178 -8.01 9.32 -4.52
N ASP B 179 -8.41 9.12 -5.77
CA ASP B 179 -7.86 9.88 -6.89
C ASP B 179 -8.89 10.79 -7.54
N TYR B 180 -8.36 11.74 -8.29
CA TYR B 180 -9.10 12.37 -9.37
C TYR B 180 -8.35 12.02 -10.66
N ASP B 181 -8.95 11.23 -11.55
CA ASP B 181 -8.30 10.90 -12.83
C ASP B 181 -6.88 10.39 -12.61
N GLN B 182 -6.71 9.53 -11.61
CA GLN B 182 -5.49 8.78 -11.20
C GLN B 182 -4.46 9.65 -10.48
N SER B 183 -4.68 10.97 -10.34
CA SER B 183 -3.76 11.84 -9.61
C SER B 183 -4.31 12.10 -8.19
N TYR B 184 -3.46 12.65 -7.30
CA TYR B 184 -3.79 13.04 -5.93
C TYR B 184 -3.97 11.90 -4.95
N ARG B 185 -3.70 10.64 -5.29
CA ARG B 185 -3.90 9.62 -4.27
C ARG B 185 -2.90 9.80 -3.14
N GLU B 186 -1.82 10.51 -3.43
CA GLU B 186 -0.68 10.56 -2.50
C GLU B 186 -0.86 11.68 -1.48
N VAL B 187 -1.91 12.48 -1.63
CA VAL B 187 -2.19 13.54 -0.67
C VAL B 187 -2.44 12.87 0.67
N ARG B 188 -1.76 13.34 1.73
CA ARG B 188 -1.84 12.63 3.01
C ARG B 188 -3.21 12.75 3.71
N ASP B 189 -3.98 13.79 3.40
CA ASP B 189 -5.27 14.09 4.00
C ASP B 189 -6.37 13.81 2.99
N VAL B 190 -7.60 13.72 3.50
CA VAL B 190 -8.77 13.62 2.64
C VAL B 190 -9.24 15.04 2.41
N VAL B 191 -9.32 15.47 1.14
CA VAL B 191 -9.57 16.88 0.84
C VAL B 191 -10.60 17.02 -0.27
N ILE B 192 -11.14 18.25 -0.40
CA ILE B 192 -12.06 18.60 -1.49
C ILE B 192 -11.27 19.48 -2.46
N LEU B 193 -11.14 19.05 -3.73
CA LEU B 193 -10.37 19.86 -4.70
C LEU B 193 -11.04 21.20 -5.06
N LYS B 194 -10.20 22.20 -5.43
CA LYS B 194 -10.73 23.44 -5.98
C LYS B 194 -11.43 23.18 -7.30
N PRO B 195 -12.51 23.94 -7.60
CA PRO B 195 -13.16 23.81 -8.93
C PRO B 195 -12.22 24.02 -10.09
N SER B 196 -11.22 24.90 -9.94
CA SER B 196 -10.32 25.17 -11.05
C SER B 196 -9.50 23.94 -11.45
N VAL B 197 -9.30 23.01 -10.53
CA VAL B 197 -8.58 21.78 -10.87
C VAL B 197 -9.34 20.99 -11.93
N TYR B 198 -10.66 20.79 -11.71
CA TYR B 198 -11.45 20.11 -12.73
C TYR B 198 -11.54 20.91 -14.02
N GLU B 199 -11.54 22.24 -13.93
CA GLU B 199 -11.76 23.06 -15.12
C GLU B 199 -10.54 23.09 -16.01
N THR B 200 -9.38 23.32 -15.40
CA THR B 200 -8.13 23.27 -16.14
C THR B 200 -7.94 21.91 -16.80
N TRP B 201 -8.20 20.82 -16.07
CA TRP B 201 -7.96 19.49 -16.62
C TRP B 201 -8.94 19.16 -17.75
N GLY B 202 -10.22 19.51 -17.58
CA GLY B 202 -11.16 19.40 -18.70
C GLY B 202 -10.69 20.14 -19.94
N LYS B 203 -10.21 21.37 -19.77
CA LYS B 203 -9.79 22.16 -20.92
C LYS B 203 -8.57 21.52 -21.59
N GLU B 204 -7.58 21.10 -20.79
CA GLU B 204 -6.44 20.41 -21.37
C GLU B 204 -6.86 19.12 -22.04
N LEU B 205 -7.88 18.42 -21.50
CA LEU B 205 -8.36 17.21 -22.16
C LEU B 205 -9.00 17.53 -23.51
N GLU B 206 -9.80 18.59 -23.56
CA GLU B 206 -10.34 19.10 -24.83
C GLU B 206 -9.21 19.41 -25.80
N ARG B 207 -8.28 20.27 -25.37
CA ARG B 207 -7.09 20.60 -26.16
C ARG B 207 -6.41 19.37 -26.74
N ARG B 208 -6.02 18.40 -25.90
CA ARG B 208 -5.36 17.21 -26.40
C ARG B 208 -6.26 16.42 -27.35
N LYS B 209 -7.58 16.55 -27.19
CA LYS B 209 -8.48 15.82 -28.07
C LYS B 209 -8.40 16.36 -29.50
N ALA B 210 -8.52 17.67 -29.65
CA ALA B 210 -8.45 18.28 -30.97
C ALA B 210 -7.12 17.96 -31.66
N ALA B 211 -6.01 18.26 -31.00
CA ALA B 211 -4.66 18.06 -31.57
C ALA B 211 -4.39 16.64 -32.06
#